data_2GTE
#
_entry.id   2GTE
#
_cell.length_a   53.124
_cell.length_b   65.270
_cell.length_c   80.615
_cell.angle_alpha   90.00
_cell.angle_beta   90.00
_cell.angle_gamma   90.00
#
_symmetry.space_group_name_H-M   'P 21 21 21'
#
loop_
_entity.id
_entity.type
_entity.pdbx_description
1 polymer 'General odorant-binding protein lush'
2 non-polymer 'PHOSPHATE ION'
3 non-polymer '(Z)-OCTADEC-11-ENYL ACETATE'
4 water water
#
_entity_poly.entity_id   1
_entity_poly.type   'polypeptide(L)'
_entity_poly.pdbx_seq_one_letter_code
;MTMEQFLTSLDMIRSGCAPKFKLKTEDLDRLRVGDFNFPPSQDLMCYTKCVSLMAGTVNKKGEFNAPKALAQLPHLVPPE
MMEMSRKSVEACRDTHKQFKESCERVYQTAKCFSENADGQFMWP
;
_entity_poly.pdbx_strand_id   A,B
#
# COMPACT_ATOMS: atom_id res chain seq x y z
N MET A 1 5.99 -12.43 26.32
CA MET A 1 6.36 -13.18 25.08
C MET A 1 7.79 -13.72 25.21
N THR A 2 7.97 -15.03 25.05
CA THR A 2 9.32 -15.58 25.05
C THR A 2 9.99 -15.35 23.71
N MET A 3 11.30 -15.57 23.64
CA MET A 3 12.01 -15.52 22.37
C MET A 3 11.44 -16.52 21.35
N GLU A 4 11.11 -17.74 21.79
CA GLU A 4 10.53 -18.75 20.89
C GLU A 4 9.18 -18.27 20.35
N GLN A 5 8.35 -17.69 21.21
CA GLN A 5 7.07 -17.12 20.79
C GLN A 5 7.27 -15.96 19.80
N PHE A 6 8.29 -15.14 20.03
CA PHE A 6 8.60 -14.05 19.13
C PHE A 6 8.98 -14.57 17.74
N LEU A 7 9.87 -15.55 17.69
CA LEU A 7 10.31 -16.09 16.40
C LEU A 7 9.12 -16.69 15.66
N THR A 8 8.26 -17.40 16.37
CA THR A 8 7.04 -17.93 15.78
C THR A 8 6.11 -16.83 15.26
N SER A 9 5.99 -15.73 16.00
CA SER A 9 5.13 -14.62 15.57
C SER A 9 5.62 -14.03 14.24
N LEU A 10 6.92 -13.98 14.03
CA LEU A 10 7.46 -13.45 12.77
C LEU A 10 6.94 -14.22 11.56
N ASP A 11 6.95 -15.55 11.65
CA ASP A 11 6.49 -16.39 10.56
C ASP A 11 4.96 -16.34 10.42
N MET A 12 4.24 -16.22 11.53
N MET A 12 4.27 -16.24 11.55
CA MET A 12 2.78 -16.14 11.45
CA MET A 12 2.81 -16.11 11.58
C MET A 12 2.27 -14.80 10.90
C MET A 12 2.38 -14.84 10.85
N ILE A 13 3.01 -13.72 11.20
CA ILE A 13 2.71 -12.43 10.60
C ILE A 13 3.06 -12.46 9.10
N ARG A 14 4.21 -13.03 8.77
CA ARG A 14 4.57 -13.17 7.35
C ARG A 14 3.48 -13.95 6.60
N SER A 15 3.04 -15.06 7.18
N SER A 15 3.05 -15.06 7.20
N SER A 15 3.05 -15.06 7.20
CA SER A 15 2.09 -15.92 6.50
CA SER A 15 2.06 -15.95 6.59
CA SER A 15 2.05 -15.94 6.59
C SER A 15 0.73 -15.25 6.27
C SER A 15 0.75 -15.23 6.27
C SER A 15 0.77 -15.22 6.27
N GLY A 16 0.37 -14.29 7.13
CA GLY A 16 -0.85 -13.53 6.97
C GLY A 16 -0.76 -12.42 5.95
N CYS A 17 0.45 -11.90 5.72
CA CYS A 17 0.64 -10.74 4.85
C CYS A 17 1.22 -11.04 3.46
N ALA A 18 2.25 -11.88 3.40
CA ALA A 18 2.93 -12.16 2.13
C ALA A 18 1.99 -12.59 0.98
N PRO A 19 1.02 -13.49 1.22
CA PRO A 19 0.16 -13.95 0.12
C PRO A 19 -0.76 -12.92 -0.52
N LYS A 20 -0.76 -11.68 -0.01
CA LYS A 20 -1.55 -10.59 -0.59
C LYS A 20 -0.72 -9.77 -1.58
N PHE A 21 0.56 -10.12 -1.75
CA PHE A 21 1.51 -9.31 -2.55
C PHE A 21 2.37 -10.17 -3.46
N LYS A 22 2.84 -9.57 -4.55
CA LYS A 22 3.84 -10.21 -5.40
C LYS A 22 5.21 -9.77 -4.88
N LEU A 23 5.94 -10.70 -4.27
CA LEU A 23 7.19 -10.41 -3.58
C LEU A 23 8.30 -11.35 -3.99
N LYS A 24 9.54 -10.96 -3.69
CA LYS A 24 10.70 -11.81 -3.88
C LYS A 24 11.10 -12.34 -2.51
N THR A 25 11.20 -13.66 -2.36
CA THR A 25 11.57 -14.24 -1.06
C THR A 25 12.91 -13.71 -0.58
N GLU A 26 13.84 -13.49 -1.51
N GLU A 26 13.83 -13.46 -1.52
CA GLU A 26 15.15 -12.95 -1.18
CA GLU A 26 15.16 -12.95 -1.19
C GLU A 26 15.02 -11.59 -0.49
C GLU A 26 15.13 -11.52 -0.63
N ASP A 27 14.07 -10.76 -0.95
CA ASP A 27 13.86 -9.44 -0.37
C ASP A 27 13.34 -9.58 1.05
N LEU A 28 12.37 -10.47 1.24
CA LEU A 28 11.84 -10.76 2.57
C LEU A 28 12.94 -11.25 3.50
N ASP A 29 13.85 -12.09 2.98
CA ASP A 29 14.96 -12.62 3.79
C ASP A 29 15.84 -11.49 4.28
N ARG A 30 16.03 -10.47 3.45
CA ARG A 30 16.87 -9.33 3.81
C ARG A 30 16.21 -8.51 4.93
N LEU A 31 14.92 -8.20 4.77
CA LEU A 31 14.22 -7.45 5.81
C LEU A 31 14.22 -8.21 7.12
N ARG A 32 14.10 -9.52 7.04
CA ARG A 32 14.03 -10.39 8.22
C ARG A 32 15.29 -10.24 9.09
N VAL A 33 16.45 -10.06 8.45
CA VAL A 33 17.70 -9.86 9.19
C VAL A 33 18.08 -8.38 9.33
N GLY A 34 17.11 -7.50 9.09
CA GLY A 34 17.32 -6.08 9.33
C GLY A 34 18.14 -5.37 8.28
N ASP A 35 18.15 -5.91 7.06
CA ASP A 35 18.87 -5.33 5.94
C ASP A 35 17.86 -4.69 4.97
N PHE A 36 17.72 -3.37 5.06
CA PHE A 36 16.78 -2.60 4.26
C PHE A 36 17.55 -1.79 3.20
N ASN A 37 18.81 -2.14 2.94
CA ASN A 37 19.65 -1.32 2.03
C ASN A 37 19.49 -1.67 0.55
N PHE A 38 18.25 -1.59 0.07
CA PHE A 38 17.95 -1.87 -1.33
C PHE A 38 16.62 -1.21 -1.65
N PRO A 39 16.41 -0.76 -2.89
CA PRO A 39 15.16 -0.12 -3.28
C PRO A 39 14.00 -1.11 -3.22
N PRO A 40 13.02 -0.89 -2.35
CA PRO A 40 11.88 -1.80 -2.25
C PRO A 40 10.88 -1.61 -3.38
N SER A 41 10.28 -2.70 -3.85
CA SER A 41 9.15 -2.58 -4.75
C SER A 41 7.98 -1.96 -4.01
N GLN A 42 7.00 -1.47 -4.75
CA GLN A 42 5.80 -0.93 -4.14
C GLN A 42 5.11 -2.00 -3.30
N ASP A 43 5.03 -3.23 -3.81
CA ASP A 43 4.40 -4.30 -3.04
C ASP A 43 5.19 -4.62 -1.76
N LEU A 44 6.52 -4.57 -1.82
CA LEU A 44 7.29 -4.79 -0.59
C LEU A 44 7.00 -3.70 0.46
N MET A 45 6.93 -2.45 0.02
CA MET A 45 6.55 -1.38 0.96
C MET A 45 5.15 -1.62 1.54
N CYS A 46 4.17 -1.98 0.70
CA CYS A 46 2.84 -2.27 1.21
C CYS A 46 2.78 -3.52 2.09
N TYR A 47 3.67 -4.49 1.85
CA TYR A 47 3.83 -5.61 2.77
C TYR A 47 4.22 -5.11 4.18
N THR A 48 5.17 -4.16 4.27
CA THR A 48 5.52 -3.64 5.60
C THR A 48 4.34 -2.98 6.27
N LYS A 49 3.50 -2.30 5.47
CA LYS A 49 2.25 -1.75 5.97
C LYS A 49 1.29 -2.83 6.46
N CYS A 50 1.15 -3.91 5.68
CA CYS A 50 0.28 -5.01 6.11
C CYS A 50 0.71 -5.55 7.50
N VAL A 51 2.01 -5.75 7.67
CA VAL A 51 2.57 -6.24 8.91
C VAL A 51 2.24 -5.28 10.06
N SER A 52 2.40 -3.99 9.80
CA SER A 52 2.15 -2.99 10.82
C SER A 52 0.69 -2.85 11.14
N LEU A 53 -0.18 -3.03 10.15
CA LEU A 53 -1.61 -3.04 10.42
C LEU A 53 -2.00 -4.20 11.34
N MET A 54 -1.36 -5.36 11.12
N MET A 54 -1.40 -5.37 11.12
CA MET A 54 -1.59 -6.56 11.97
CA MET A 54 -1.64 -6.50 12.00
C MET A 54 -1.19 -6.33 13.43
C MET A 54 -1.33 -6.14 13.45
N ALA A 55 -0.20 -5.46 13.65
CA ALA A 55 0.22 -5.04 14.98
C ALA A 55 -0.63 -3.89 15.52
N GLY A 56 -1.40 -3.24 14.65
CA GLY A 56 -2.26 -2.14 15.02
C GLY A 56 -1.55 -0.81 15.22
N THR A 57 -0.31 -0.70 14.76
CA THR A 57 0.53 0.46 15.09
C THR A 57 0.62 1.50 13.98
N VAL A 58 -0.04 1.22 12.85
CA VAL A 58 -0.28 2.24 11.82
C VAL A 58 -1.75 2.23 11.46
N ASN A 59 -2.21 3.30 10.84
CA ASN A 59 -3.55 3.33 10.27
C ASN A 59 -3.49 3.13 8.75
N LYS A 60 -4.64 3.22 8.08
CA LYS A 60 -4.69 2.98 6.64
C LYS A 60 -3.84 3.99 5.89
N LYS A 61 -3.69 5.20 6.43
CA LYS A 61 -2.89 6.23 5.80
C LYS A 61 -1.38 6.02 6.03
N GLY A 62 -1.02 5.00 6.79
CA GLY A 62 0.38 4.70 7.07
C GLY A 62 0.98 5.57 8.16
N GLU A 63 0.15 6.28 8.92
CA GLU A 63 0.62 7.14 9.99
C GLU A 63 0.92 6.25 11.18
N PHE A 64 2.10 6.46 11.77
CA PHE A 64 2.57 5.63 12.87
C PHE A 64 1.99 6.12 14.19
N ASN A 65 1.56 5.18 15.02
CA ASN A 65 0.97 5.48 16.32
C ASN A 65 2.00 5.09 17.40
N ALA A 66 2.88 6.03 17.75
CA ALA A 66 3.99 5.75 18.65
C ALA A 66 3.50 5.37 20.06
N PRO A 67 2.54 6.10 20.64
CA PRO A 67 2.02 5.70 21.96
C PRO A 67 1.49 4.28 21.98
N LYS A 68 0.78 3.87 20.94
CA LYS A 68 0.26 2.51 20.90
C LYS A 68 1.39 1.48 20.72
N ALA A 69 2.35 1.79 19.86
CA ALA A 69 3.50 0.91 19.69
C ALA A 69 4.25 0.69 21.00
N LEU A 70 4.48 1.77 21.74
CA LEU A 70 5.18 1.69 23.02
C LEU A 70 4.41 0.85 24.04
N ALA A 71 3.10 1.08 24.13
CA ALA A 71 2.25 0.35 25.08
C ALA A 71 2.18 -1.14 24.74
N GLN A 72 2.29 -1.46 23.46
CA GLN A 72 2.20 -2.83 22.96
C GLN A 72 3.51 -3.63 23.00
N LEU A 73 4.64 -2.96 23.27
CA LEU A 73 5.94 -3.66 23.30
C LEU A 73 5.94 -4.98 24.07
N PRO A 74 5.40 -5.04 25.29
CA PRO A 74 5.40 -6.31 26.03
C PRO A 74 4.64 -7.43 25.32
N HIS A 75 3.82 -7.10 24.34
CA HIS A 75 3.05 -8.10 23.59
C HIS A 75 3.66 -8.41 22.24
N LEU A 76 4.62 -7.59 21.82
CA LEU A 76 5.22 -7.70 20.49
C LEU A 76 6.66 -8.22 20.48
N VAL A 77 7.41 -7.95 21.55
CA VAL A 77 8.81 -8.36 21.62
C VAL A 77 9.12 -9.03 22.96
N PRO A 78 10.13 -9.89 23.00
CA PRO A 78 10.54 -10.52 24.25
C PRO A 78 11.24 -9.53 25.20
N PRO A 79 11.28 -9.85 26.48
CA PRO A 79 11.87 -8.96 27.48
C PRO A 79 13.26 -8.45 27.12
N GLU A 80 14.13 -9.32 26.61
CA GLU A 80 15.49 -8.96 26.27
C GLU A 80 15.59 -7.95 25.12
N MET A 81 14.49 -7.71 24.43
CA MET A 81 14.48 -6.72 23.33
C MET A 81 13.68 -5.47 23.68
N MET A 82 13.13 -5.40 24.88
CA MET A 82 12.25 -4.29 25.28
C MET A 82 12.89 -2.92 25.22
N GLU A 83 14.07 -2.76 25.81
CA GLU A 83 14.68 -1.44 25.87
C GLU A 83 15.16 -0.97 24.50
N MET A 84 15.75 -1.88 23.74
CA MET A 84 16.21 -1.57 22.40
C MET A 84 15.03 -1.16 21.51
N SER A 85 13.90 -1.87 21.65
CA SER A 85 12.72 -1.58 20.85
C SER A 85 12.10 -0.24 21.22
N ARG A 86 12.09 0.09 22.51
CA ARG A 86 11.57 1.37 22.97
C ARG A 86 12.37 2.51 22.35
N LYS A 87 13.69 2.42 22.39
CA LYS A 87 14.54 3.46 21.78
C LYS A 87 14.38 3.55 20.27
N SER A 88 14.15 2.41 19.60
N SER A 88 14.15 2.41 19.61
CA SER A 88 13.88 2.38 18.16
CA SER A 88 13.91 2.36 18.18
C SER A 88 12.61 3.15 17.84
C SER A 88 12.60 3.09 17.81
N VAL A 89 11.55 2.83 18.57
CA VAL A 89 10.27 3.51 18.40
C VAL A 89 10.44 5.02 18.61
N GLU A 90 11.11 5.42 19.70
CA GLU A 90 11.28 6.83 19.96
C GLU A 90 12.08 7.54 18.86
N ALA A 91 13.12 6.89 18.36
CA ALA A 91 13.95 7.47 17.29
C ALA A 91 13.17 7.69 16.00
N CYS A 92 12.15 6.87 15.78
CA CYS A 92 11.49 6.77 14.47
C CYS A 92 10.03 7.16 14.52
N ARG A 93 9.59 7.75 15.63
CA ARG A 93 8.18 8.04 15.82
C ARG A 93 7.62 9.06 14.82
N ASP A 94 8.49 9.90 14.27
CA ASP A 94 8.05 10.95 13.35
C ASP A 94 8.47 10.76 11.91
N THR A 95 9.09 9.62 11.61
CA THR A 95 9.59 9.33 10.26
C THR A 95 8.48 9.44 9.21
N HIS A 96 7.30 8.95 9.56
CA HIS A 96 6.19 8.91 8.62
C HIS A 96 5.77 10.29 8.12
N LYS A 97 6.05 11.33 8.90
CA LYS A 97 5.64 12.69 8.55
C LYS A 97 6.45 13.23 7.38
N GLN A 98 7.54 12.56 7.03
CA GLN A 98 8.41 12.99 5.95
C GLN A 98 8.02 12.44 4.59
N PHE A 99 6.98 11.60 4.54
CA PHE A 99 6.57 10.94 3.31
C PHE A 99 5.07 11.11 3.07
N LYS A 100 4.67 11.14 1.80
CA LYS A 100 3.28 11.42 1.45
C LYS A 100 2.42 10.16 1.24
N GLU A 101 3.05 9.06 0.85
CA GLU A 101 2.33 7.87 0.41
C GLU A 101 2.32 6.83 1.54
N SER A 102 1.14 6.24 1.74
N SER A 102 1.16 6.21 1.74
CA SER A 102 0.87 5.33 2.85
CA SER A 102 0.90 5.36 2.89
C SER A 102 1.88 4.21 3.02
C SER A 102 1.82 4.15 3.06
N CYS A 103 2.09 3.41 1.98
CA CYS A 103 3.00 2.27 2.10
C CYS A 103 4.42 2.74 2.37
N GLU A 104 4.84 3.79 1.68
CA GLU A 104 6.18 4.33 1.90
C GLU A 104 6.38 4.88 3.33
N ARG A 105 5.34 5.51 3.87
CA ARG A 105 5.40 5.98 5.26
C ARG A 105 5.77 4.83 6.20
N VAL A 106 5.14 3.69 6.01
CA VAL A 106 5.41 2.53 6.87
C VAL A 106 6.78 1.92 6.58
N TYR A 107 7.08 1.72 5.30
CA TYR A 107 8.38 1.19 4.93
C TYR A 107 9.52 2.01 5.54
N GLN A 108 9.42 3.34 5.40
CA GLN A 108 10.50 4.20 5.89
C GLN A 108 10.59 4.18 7.43
N THR A 109 9.46 4.00 8.10
CA THR A 109 9.48 3.84 9.55
C THR A 109 10.20 2.54 9.93
N ALA A 110 9.87 1.45 9.26
CA ALA A 110 10.55 0.17 9.51
C ALA A 110 12.05 0.27 9.20
N LYS A 111 12.41 0.97 8.13
CA LYS A 111 13.83 1.15 7.79
C LYS A 111 14.54 1.94 8.89
N CYS A 112 13.87 3.00 9.36
CA CYS A 112 14.38 3.77 10.50
C CYS A 112 14.58 2.87 11.71
N PHE A 113 13.62 2.00 12.04
CA PHE A 113 13.84 1.07 13.14
C PHE A 113 15.13 0.30 12.93
N SER A 114 15.35 -0.18 11.71
CA SER A 114 16.49 -1.04 11.42
C SER A 114 17.83 -0.34 11.59
N GLU A 115 17.81 0.98 11.54
CA GLU A 115 19.01 1.82 11.70
C GLU A 115 19.22 2.24 13.13
N ASN A 116 18.20 2.00 13.98
CA ASN A 116 18.22 2.43 15.38
C ASN A 116 17.92 1.25 16.29
N ALA A 117 18.59 0.14 16.04
N ALA A 117 18.63 0.16 16.04
CA ALA A 117 18.33 -1.08 16.77
CA ALA A 117 18.47 -1.11 16.74
C ALA A 117 19.64 -1.70 17.22
C ALA A 117 19.84 -1.74 16.98
N ASP A 118 19.54 -2.90 17.75
N ASP A 118 20.87 -0.89 17.07
CA ASP A 118 20.74 -3.70 17.95
CA ASP A 118 22.24 -1.35 17.29
C ASP A 118 20.64 -4.99 17.14
C ASP A 118 22.59 -2.55 16.41
N GLY A 119 21.52 -5.94 17.43
N GLY A 119 22.12 -2.52 15.16
CA GLY A 119 21.62 -7.14 16.63
CA GLY A 119 22.46 -3.53 14.17
C GLY A 119 20.44 -8.07 16.75
C GLY A 119 21.79 -4.87 14.37
N GLN A 120 19.50 -7.72 17.61
N GLN A 120 20.78 -4.91 15.22
CA GLN A 120 18.34 -8.56 17.86
CA GLN A 120 20.13 -6.18 15.59
C GLN A 120 17.21 -8.23 16.90
C GLN A 120 18.62 -6.20 15.32
N PHE A 121 17.35 -7.12 16.18
N PHE A 121 18.19 -5.49 14.29
CA PHE A 121 16.32 -6.68 15.26
CA PHE A 121 16.77 -5.43 13.91
C PHE A 121 15.94 -7.77 14.26
C PHE A 121 16.31 -6.71 13.23
N MET A 122 14.62 -7.95 14.10
N MET A 122 15.04 -7.03 13.43
CA MET A 122 14.08 -8.83 13.07
CA MET A 122 14.41 -8.15 12.76
C MET A 122 12.75 -8.25 12.57
C MET A 122 13.02 -7.72 12.34
N TRP A 123 12.52 -8.31 11.26
CA TRP A 123 11.22 -7.91 10.69
C TRP A 123 10.50 -9.16 10.23
N PRO A 124 9.18 -9.25 10.45
CA PRO A 124 8.41 -10.41 9.98
C PRO A 124 8.57 -10.65 8.49
N MET B 1 -19.98 17.46 -8.60
CA MET B 1 -20.54 16.13 -8.74
C MET B 1 -21.08 15.58 -7.43
N THR B 2 -22.33 15.14 -7.39
CA THR B 2 -22.86 14.58 -6.15
C THR B 2 -22.56 13.09 -6.06
N MET B 3 -22.75 12.52 -4.87
CA MET B 3 -22.59 11.08 -4.72
C MET B 3 -23.52 10.30 -5.65
N GLU B 4 -24.76 10.75 -5.81
CA GLU B 4 -25.66 10.08 -6.75
C GLU B 4 -25.10 10.07 -8.18
N GLN B 5 -24.64 11.24 -8.65
CA GLN B 5 -24.04 11.32 -9.98
C GLN B 5 -22.81 10.42 -10.09
N PHE B 6 -22.00 10.39 -9.03
CA PHE B 6 -20.80 9.56 -9.02
C PHE B 6 -21.13 8.08 -9.14
N LEU B 7 -22.05 7.60 -8.32
CA LEU B 7 -22.41 6.17 -8.36
C LEU B 7 -22.99 5.77 -9.70
N THR B 8 -23.81 6.63 -10.28
CA THR B 8 -24.34 6.39 -11.62
C THR B 8 -23.24 6.42 -12.68
N SER B 9 -22.30 7.36 -12.56
CA SER B 9 -21.17 7.43 -13.49
C SER B 9 -20.33 6.16 -13.48
N LEU B 10 -20.18 5.51 -12.32
CA LEU B 10 -19.32 4.34 -12.24
C LEU B 10 -19.79 3.26 -13.20
N ASP B 11 -21.10 3.00 -13.20
CA ASP B 11 -21.67 1.99 -14.08
C ASP B 11 -21.68 2.44 -15.53
N MET B 12 -21.91 3.72 -15.79
CA MET B 12 -21.86 4.21 -17.17
C MET B 12 -20.44 4.04 -17.75
N ILE B 13 -19.44 4.46 -17.00
CA ILE B 13 -18.05 4.36 -17.45
C ILE B 13 -17.65 2.89 -17.66
N ARG B 14 -18.01 2.03 -16.71
CA ARG B 14 -17.72 0.61 -16.88
C ARG B 14 -18.29 0.10 -18.17
N SER B 15 -19.51 0.53 -18.50
CA SER B 15 -20.22 -0.01 -19.66
C SER B 15 -19.57 0.35 -20.99
N GLY B 16 -18.78 1.42 -21.02
CA GLY B 16 -18.01 1.80 -22.19
C GLY B 16 -16.73 0.99 -22.33
N CYS B 17 -16.06 0.70 -21.23
CA CYS B 17 -14.74 0.06 -21.30
C CYS B 17 -14.78 -1.44 -21.21
N ALA B 18 -15.69 -1.98 -20.41
CA ALA B 18 -15.73 -3.42 -20.16
C ALA B 18 -15.91 -4.30 -21.41
N PRO B 19 -16.80 -3.96 -22.35
CA PRO B 19 -17.01 -4.83 -23.53
C PRO B 19 -15.78 -4.93 -24.43
N LYS B 20 -14.81 -4.06 -24.25
CA LYS B 20 -13.56 -4.12 -25.02
C LYS B 20 -12.60 -5.22 -24.52
N PHE B 21 -12.95 -5.85 -23.38
CA PHE B 21 -12.10 -6.83 -22.70
C PHE B 21 -12.90 -8.06 -22.31
N LYS B 22 -12.21 -9.09 -21.83
CA LYS B 22 -12.85 -10.37 -21.54
C LYS B 22 -13.03 -10.66 -20.02
N LEU B 23 -13.66 -9.75 -19.30
CA LEU B 23 -13.52 -9.69 -17.84
C LEU B 23 -14.43 -10.61 -17.02
N LYS B 24 -13.87 -11.18 -15.96
CA LYS B 24 -14.65 -11.96 -14.99
C LYS B 24 -15.40 -11.04 -14.04
N THR B 25 -16.64 -11.42 -13.72
CA THR B 25 -17.47 -10.71 -12.75
C THR B 25 -16.71 -10.44 -11.46
N GLU B 26 -16.06 -11.47 -10.92
N GLU B 26 -16.06 -11.49 -10.95
CA GLU B 26 -15.38 -11.36 -9.64
CA GLU B 26 -15.33 -11.45 -9.69
C GLU B 26 -14.23 -10.37 -9.68
C GLU B 26 -14.26 -10.37 -9.70
N ASP B 27 -13.61 -10.20 -10.85
CA ASP B 27 -12.53 -9.24 -11.01
C ASP B 27 -13.02 -7.81 -11.04
N LEU B 28 -14.12 -7.56 -11.75
CA LEU B 28 -14.73 -6.22 -11.71
C LEU B 28 -15.25 -5.87 -10.32
N ASP B 29 -15.85 -6.85 -9.64
CA ASP B 29 -16.33 -6.64 -8.28
C ASP B 29 -15.17 -6.30 -7.32
N ARG B 30 -14.06 -7.02 -7.43
CA ARG B 30 -12.88 -6.71 -6.63
C ARG B 30 -12.35 -5.30 -6.94
N LEU B 31 -12.26 -4.96 -8.23
CA LEU B 31 -11.72 -3.66 -8.60
C LEU B 31 -12.63 -2.52 -8.09
N ARG B 32 -13.95 -2.71 -8.17
CA ARG B 32 -14.90 -1.69 -7.71
C ARG B 32 -14.64 -1.28 -6.27
N VAL B 33 -14.36 -2.27 -5.43
CA VAL B 33 -14.14 -2.03 -4.00
C VAL B 33 -12.68 -1.85 -3.60
N GLY B 34 -11.77 -1.97 -4.57
CA GLY B 34 -10.37 -1.75 -4.26
C GLY B 34 -9.66 -2.93 -3.63
N ASP B 35 -10.14 -4.13 -3.93
CA ASP B 35 -9.42 -5.34 -3.53
C ASP B 35 -8.41 -5.69 -4.63
N PHE B 36 -7.13 -5.48 -4.31
CA PHE B 36 -6.03 -5.70 -5.23
C PHE B 36 -5.18 -6.88 -4.79
N ASN B 37 -5.74 -7.77 -3.99
CA ASN B 37 -4.93 -8.85 -3.41
C ASN B 37 -4.64 -10.04 -4.31
N PHE B 38 -5.26 -10.10 -5.48
CA PHE B 38 -5.12 -11.24 -6.36
C PHE B 38 -4.36 -10.85 -7.60
N PRO B 39 -3.65 -11.80 -8.21
CA PRO B 39 -2.87 -11.48 -9.40
C PRO B 39 -3.77 -11.02 -10.57
N PRO B 40 -3.56 -9.82 -11.11
CA PRO B 40 -4.44 -9.29 -12.16
C PRO B 40 -4.12 -9.84 -13.54
N SER B 41 -5.16 -10.02 -14.33
CA SER B 41 -4.99 -10.40 -15.73
C SER B 41 -4.58 -9.20 -16.55
N GLN B 42 -3.99 -9.46 -17.71
CA GLN B 42 -3.66 -8.39 -18.63
C GLN B 42 -4.92 -7.61 -19.01
N ASP B 43 -6.01 -8.32 -19.29
N ASP B 43 -6.03 -8.30 -19.26
CA ASP B 43 -7.26 -7.68 -19.67
CA ASP B 43 -7.26 -7.60 -19.57
C ASP B 43 -7.76 -6.73 -18.57
C ASP B 43 -7.72 -6.67 -18.45
N LEU B 44 -7.63 -7.12 -17.32
N LEU B 44 -7.70 -7.16 -17.21
CA LEU B 44 -8.10 -6.28 -16.22
CA LEU B 44 -8.08 -6.29 -16.10
C LEU B 44 -7.21 -5.03 -16.06
C LEU B 44 -7.22 -5.04 -16.09
N MET B 45 -5.90 -5.21 -16.20
CA MET B 45 -5.01 -4.06 -16.18
C MET B 45 -5.31 -3.11 -17.35
N CYS B 46 -5.55 -3.67 -18.54
CA CYS B 46 -5.88 -2.82 -19.68
C CYS B 46 -7.23 -2.13 -19.54
N TYR B 47 -8.17 -2.77 -18.85
CA TYR B 47 -9.43 -2.11 -18.51
C TYR B 47 -9.21 -0.84 -17.68
N THR B 48 -8.29 -0.89 -16.71
CA THR B 48 -8.02 0.32 -15.93
C THR B 48 -7.43 1.41 -16.81
N LYS B 49 -6.60 1.03 -17.80
CA LYS B 49 -6.06 1.99 -18.76
C LYS B 49 -7.19 2.59 -19.61
N CYS B 50 -8.15 1.77 -20.04
CA CYS B 50 -9.27 2.29 -20.82
C CYS B 50 -10.01 3.37 -20.03
N VAL B 51 -10.30 3.07 -18.78
CA VAL B 51 -11.03 4.00 -17.91
C VAL B 51 -10.23 5.30 -17.75
N SER B 52 -8.94 5.16 -17.49
CA SER B 52 -8.09 6.32 -17.22
C SER B 52 -7.86 7.17 -18.46
N LEU B 53 -7.76 6.53 -19.62
CA LEU B 53 -7.65 7.26 -20.89
C LEU B 53 -8.91 8.05 -21.17
N MET B 54 -10.06 7.45 -20.90
N MET B 54 -10.08 7.43 -20.92
CA MET B 54 -11.31 8.14 -21.15
CA MET B 54 -11.36 8.11 -21.05
C MET B 54 -11.43 9.40 -20.27
C MET B 54 -11.28 9.42 -20.31
N ALA B 55 -10.87 9.34 -19.05
CA ALA B 55 -10.81 10.49 -18.14
C ALA B 55 -9.70 11.48 -18.52
N GLY B 56 -8.77 11.05 -19.37
CA GLY B 56 -7.74 11.91 -19.89
C GLY B 56 -6.59 12.12 -18.91
N THR B 57 -6.49 11.26 -17.89
CA THR B 57 -5.48 11.42 -16.86
C THR B 57 -4.26 10.50 -17.00
N VAL B 58 -4.23 9.67 -18.03
CA VAL B 58 -3.01 9.00 -18.47
C VAL B 58 -2.86 9.23 -19.95
N ASN B 59 -1.66 9.02 -20.47
CA ASN B 59 -1.44 8.98 -21.91
C ASN B 59 -1.43 7.53 -22.40
N LYS B 60 -1.20 7.34 -23.69
CA LYS B 60 -1.20 6.01 -24.29
C LYS B 60 -0.09 5.10 -23.76
N LYS B 61 0.96 5.71 -23.21
CA LYS B 61 2.05 4.98 -22.56
C LYS B 61 1.70 4.61 -21.10
N GLY B 62 0.52 5.00 -20.63
CA GLY B 62 0.11 4.70 -19.25
C GLY B 62 0.72 5.57 -18.18
N GLU B 63 1.34 6.66 -18.61
CA GLU B 63 1.95 7.62 -17.69
C GLU B 63 0.89 8.50 -17.07
N PHE B 64 0.84 8.51 -15.73
CA PHE B 64 -0.15 9.27 -14.98
C PHE B 64 0.17 10.75 -14.97
N ASN B 65 -0.86 11.56 -15.18
CA ASN B 65 -0.75 13.00 -15.18
C ASN B 65 -1.42 13.54 -13.91
N ALA B 66 -0.69 13.57 -12.81
CA ALA B 66 -1.28 13.97 -11.53
C ALA B 66 -1.81 15.42 -11.55
N PRO B 67 -1.08 16.38 -12.13
CA PRO B 67 -1.62 17.74 -12.20
C PRO B 67 -2.96 17.81 -12.94
N LYS B 68 -3.10 17.11 -14.06
CA LYS B 68 -4.39 17.06 -14.76
C LYS B 68 -5.47 16.38 -13.93
N ALA B 69 -5.12 15.26 -13.28
CA ALA B 69 -6.06 14.56 -12.41
C ALA B 69 -6.56 15.49 -11.30
N LEU B 70 -5.66 16.26 -10.71
CA LEU B 70 -6.04 17.19 -9.65
C LEU B 70 -7.00 18.26 -10.17
N ALA B 71 -6.73 18.78 -11.37
CA ALA B 71 -7.63 19.77 -12.00
C ALA B 71 -8.99 19.18 -12.33
N GLN B 72 -9.02 17.88 -12.64
CA GLN B 72 -10.24 17.19 -13.02
C GLN B 72 -11.05 16.66 -11.84
N LEU B 73 -10.46 16.65 -10.64
CA LEU B 73 -11.16 16.04 -9.48
C LEU B 73 -12.56 16.57 -9.19
N PRO B 74 -12.77 17.89 -9.23
CA PRO B 74 -14.12 18.43 -8.96
C PRO B 74 -15.17 17.85 -9.91
N HIS B 75 -14.74 17.38 -11.06
CA HIS B 75 -15.62 16.82 -12.07
C HIS B 75 -15.77 15.29 -12.01
N LEU B 76 -14.91 14.63 -11.24
CA LEU B 76 -14.82 13.16 -11.26
C LEU B 76 -15.26 12.45 -9.99
N VAL B 77 -15.09 13.13 -8.85
CA VAL B 77 -15.45 12.54 -7.55
C VAL B 77 -16.34 13.50 -6.76
N PRO B 78 -17.18 12.96 -5.87
CA PRO B 78 -18.07 13.81 -5.06
C PRO B 78 -17.33 14.48 -3.89
N PRO B 79 -17.94 15.49 -3.28
CA PRO B 79 -17.27 16.21 -2.18
C PRO B 79 -16.84 15.30 -1.01
N GLU B 80 -17.61 14.25 -0.72
CA GLU B 80 -17.29 13.31 0.37
C GLU B 80 -15.92 12.68 0.18
N MET B 81 -15.49 12.59 -1.09
CA MET B 81 -14.27 11.87 -1.45
C MET B 81 -13.14 12.80 -1.85
N MET B 82 -13.41 14.10 -1.90
CA MET B 82 -12.43 15.05 -2.43
C MET B 82 -11.06 15.06 -1.72
N GLU B 83 -11.08 15.14 -0.39
N GLU B 83 -11.05 15.14 -0.40
CA GLU B 83 -9.84 15.23 0.40
CA GLU B 83 -9.77 15.28 0.31
C GLU B 83 -8.95 14.03 0.14
C GLU B 83 -8.91 14.02 0.17
N MET B 84 -9.51 12.84 0.27
CA MET B 84 -8.73 11.61 0.09
C MET B 84 -8.33 11.39 -1.35
N SER B 85 -9.14 11.89 -2.28
CA SER B 85 -8.81 11.78 -3.70
C SER B 85 -7.59 12.66 -4.03
N ARG B 86 -7.60 13.88 -3.53
CA ARG B 86 -6.45 14.76 -3.70
C ARG B 86 -5.19 14.12 -3.07
N LYS B 87 -5.31 13.63 -1.83
CA LYS B 87 -4.16 13.01 -1.17
C LYS B 87 -3.67 11.78 -1.93
N SER B 88 -4.58 10.98 -2.47
CA SER B 88 -4.18 9.76 -3.19
C SER B 88 -3.51 10.06 -4.52
N VAL B 89 -4.04 11.05 -5.24
CA VAL B 89 -3.44 11.48 -6.50
C VAL B 89 -2.01 12.00 -6.26
N GLU B 90 -1.83 12.81 -5.22
CA GLU B 90 -0.50 13.32 -4.89
C GLU B 90 0.43 12.20 -4.42
N ALA B 91 -0.07 11.33 -3.55
CA ALA B 91 0.74 10.23 -3.03
C ALA B 91 1.25 9.32 -4.13
N CYS B 92 0.39 9.07 -5.12
CA CYS B 92 0.66 8.04 -6.12
C CYS B 92 1.06 8.65 -7.46
N ARG B 93 1.46 9.91 -7.45
CA ARG B 93 1.75 10.62 -8.69
C ARG B 93 2.83 9.98 -9.56
N ASP B 94 3.77 9.33 -8.91
CA ASP B 94 4.94 8.79 -9.61
C ASP B 94 5.01 7.27 -9.60
N THR B 95 3.99 6.60 -9.08
CA THR B 95 3.98 5.14 -9.01
C THR B 95 4.24 4.50 -10.35
N HIS B 96 3.66 5.07 -11.40
CA HIS B 96 3.80 4.52 -12.76
C HIS B 96 5.25 4.39 -13.24
N LYS B 97 6.12 5.24 -12.71
CA LYS B 97 7.53 5.25 -13.12
C LYS B 97 8.25 3.93 -12.79
N GLN B 98 7.72 3.16 -11.83
CA GLN B 98 8.33 1.90 -11.41
C GLN B 98 8.02 0.72 -12.32
N PHE B 99 7.19 0.95 -13.34
CA PHE B 99 6.69 -0.13 -14.20
C PHE B 99 6.89 0.23 -15.68
N LYS B 100 6.98 -0.79 -16.52
CA LYS B 100 7.35 -0.61 -17.92
C LYS B 100 6.19 -0.66 -18.93
N GLU B 101 5.18 -1.48 -18.66
CA GLU B 101 4.16 -1.73 -19.68
C GLU B 101 2.95 -0.83 -19.39
N SER B 102 2.30 -0.33 -20.45
CA SER B 102 1.30 0.75 -20.29
C SER B 102 0.12 0.37 -19.41
N CYS B 103 -0.47 -0.81 -19.63
CA CYS B 103 -1.60 -1.20 -18.79
C CYS B 103 -1.23 -1.43 -17.34
N GLU B 104 -0.08 -2.07 -17.12
CA GLU B 104 0.47 -2.28 -15.80
C GLU B 104 0.72 -0.96 -15.06
N ARG B 105 1.25 0.04 -15.77
CA ARG B 105 1.50 1.35 -15.15
C ARG B 105 0.21 1.93 -14.57
N VAL B 106 -0.88 1.84 -15.34
CA VAL B 106 -2.16 2.38 -14.89
C VAL B 106 -2.73 1.58 -13.73
N TYR B 107 -2.73 0.26 -13.89
N TYR B 107 -2.74 0.25 -13.87
CA TYR B 107 -3.23 -0.63 -12.86
CA TYR B 107 -3.28 -0.61 -12.83
C TYR B 107 -2.53 -0.38 -11.53
C TYR B 107 -2.53 -0.43 -11.50
N GLN B 108 -1.21 -0.27 -11.58
CA GLN B 108 -0.40 -0.07 -10.38
C GLN B 108 -0.65 1.28 -9.74
N THR B 109 -0.91 2.31 -10.55
CA THR B 109 -1.37 3.58 -9.99
C THR B 109 -2.69 3.41 -9.24
N ALA B 110 -3.66 2.72 -9.84
CA ALA B 110 -4.93 2.47 -9.16
C ALA B 110 -4.73 1.67 -7.86
N LYS B 111 -3.83 0.69 -7.88
CA LYS B 111 -3.52 -0.09 -6.68
C LYS B 111 -3.01 0.84 -5.59
N CYS B 112 -2.14 1.77 -5.95
CA CYS B 112 -1.63 2.72 -4.98
C CYS B 112 -2.78 3.60 -4.47
N PHE B 113 -3.70 4.04 -5.33
CA PHE B 113 -4.85 4.81 -4.84
C PHE B 113 -5.59 4.04 -3.75
N SER B 114 -5.80 2.73 -3.94
N SER B 114 -5.80 2.74 -3.95
CA SER B 114 -6.53 1.92 -2.96
CA SER B 114 -6.52 1.94 -2.97
C SER B 114 -5.86 1.83 -1.59
C SER B 114 -5.86 1.98 -1.60
N GLU B 115 -4.53 1.89 -1.59
CA GLU B 115 -3.74 1.91 -0.35
C GLU B 115 -3.72 3.30 0.31
N ASN B 116 -4.19 4.32 -0.41
CA ASN B 116 -4.08 5.70 0.08
C ASN B 116 -5.38 6.43 0.38
N ALA B 117 -6.50 5.91 -0.09
CA ALA B 117 -7.76 6.65 -0.01
C ALA B 117 -8.57 6.40 1.27
N ASP B 118 -7.95 5.70 2.23
CA ASP B 118 -8.55 5.53 3.55
C ASP B 118 -9.95 4.90 3.49
N GLY B 119 -10.14 3.97 2.56
CA GLY B 119 -11.40 3.26 2.41
C GLY B 119 -12.33 3.87 1.39
N GLN B 120 -12.01 5.07 0.89
CA GLN B 120 -12.90 5.75 -0.05
C GLN B 120 -12.72 5.33 -1.50
N PHE B 121 -11.78 4.42 -1.78
CA PHE B 121 -11.58 3.95 -3.16
C PHE B 121 -12.84 3.32 -3.75
N MET B 122 -13.20 3.71 -4.97
N MET B 122 -13.28 3.84 -4.89
CA MET B 122 -14.38 3.17 -5.64
CA MET B 122 -14.31 3.20 -5.69
C MET B 122 -14.25 3.37 -7.16
C MET B 122 -13.86 3.37 -7.13
N TRP B 123 -13.90 2.30 -7.89
CA TRP B 123 -13.49 2.38 -9.29
C TRP B 123 -14.59 1.87 -10.21
N PRO B 124 -14.78 2.52 -11.36
CA PRO B 124 -15.83 2.08 -12.32
C PRO B 124 -15.80 0.58 -12.61
#